data_1GT5
#
_entry.id   1GT5
#
_cell.length_a   55.589
_cell.length_b   65.206
_cell.length_c   42.153
_cell.angle_alpha   90.00
_cell.angle_beta   98.32
_cell.angle_gamma   90.00
#
_symmetry.space_group_name_H-M   'P 1 21 1'
#
loop_
_entity.id
_entity.type
_entity.pdbx_description
1 polymer 'ODORANT-BINDING PROTEIN'
2 non-polymer DIPHENYLMETHANONE
3 water water
#
_entity_poly.entity_id   1
_entity_poly.type   'polypeptide(L)'
_entity_poly.pdbx_seq_one_letter_code
;AQEEEAEQNLSELSGPWRTVYIGSTNPEKIQENGPFRTYFRELVFDDEKGTVDFYFSVKRDGKWKNVHVKATKQDDGTYV
ADYEGQNVFKIVSLSRTHLVAHNINVDKHGQTTELTELFVKLNVEDEDLEKFWKLTEDKGIDKKNVVNFLENENHPHPE
;
_entity_poly.pdbx_strand_id   A,B
#
# COMPACT_ATOMS: atom_id res chain seq x y z
N ALA A 1 21.06 -0.12 -39.13
CA ALA A 1 20.36 -0.95 -38.09
C ALA A 1 19.52 -0.12 -37.13
N GLN A 2 18.93 -0.80 -36.16
CA GLN A 2 18.10 -0.17 -35.14
C GLN A 2 18.70 -0.52 -33.80
N GLU A 3 17.87 -0.48 -32.76
CA GLU A 3 18.33 -0.81 -31.43
C GLU A 3 18.42 -2.32 -31.26
N GLU A 4 19.09 -2.75 -30.21
CA GLU A 4 19.27 -4.16 -29.92
C GLU A 4 18.26 -4.65 -28.87
N GLU A 5 18.10 -5.97 -28.75
CA GLU A 5 17.16 -6.56 -27.80
C GLU A 5 17.41 -6.06 -26.37
N ALA A 6 16.33 -5.72 -25.68
CA ALA A 6 16.42 -5.21 -24.32
C ALA A 6 16.41 -6.31 -23.26
N GLU A 7 17.46 -6.33 -22.43
CA GLU A 7 17.57 -7.31 -21.34
C GLU A 7 16.40 -7.07 -20.40
N GLN A 8 15.84 -8.17 -19.87
CA GLN A 8 14.68 -8.06 -18.99
C GLN A 8 14.66 -9.10 -17.88
N ASN A 9 14.38 -8.63 -16.67
CA ASN A 9 14.28 -9.49 -15.50
C ASN A 9 13.32 -8.79 -14.55
N LEU A 10 12.07 -8.66 -14.99
CA LEU A 10 11.03 -7.99 -14.23
C LEU A 10 10.25 -8.93 -13.33
N SER A 11 10.44 -10.23 -13.51
CA SER A 11 9.74 -11.21 -12.71
C SER A 11 9.92 -10.86 -11.23
N GLU A 12 11.13 -10.48 -10.87
CA GLU A 12 11.45 -10.14 -9.51
C GLU A 12 10.56 -9.05 -8.92
N LEU A 13 10.14 -8.12 -9.77
CA LEU A 13 9.30 -6.99 -9.35
C LEU A 13 7.85 -7.31 -9.00
N SER A 14 7.39 -8.52 -9.31
CA SER A 14 6.01 -8.94 -9.02
C SER A 14 5.67 -8.84 -7.55
N GLY A 15 4.41 -8.55 -7.25
CA GLY A 15 4.02 -8.46 -5.85
C GLY A 15 2.98 -7.38 -5.65
N PRO A 16 2.76 -6.93 -4.41
CA PRO A 16 1.79 -5.88 -4.13
C PRO A 16 2.30 -4.47 -4.49
N TRP A 17 1.47 -3.74 -5.25
CA TRP A 17 1.80 -2.39 -5.68
C TRP A 17 0.62 -1.49 -5.40
N ARG A 18 0.89 -0.21 -5.23
CA ARG A 18 -0.17 0.73 -4.96
C ARG A 18 -0.08 1.97 -5.85
N THR A 19 -1.22 2.60 -6.07
CA THR A 19 -1.28 3.80 -6.89
C THR A 19 -0.92 4.99 -6.02
N VAL A 20 -0.07 5.88 -6.52
CA VAL A 20 0.29 7.08 -5.79
C VAL A 20 -0.39 8.24 -6.50
N TYR A 21 -0.06 8.43 -7.79
CA TYR A 21 -0.65 9.49 -8.61
C TYR A 21 -0.96 9.00 -10.00
N ILE A 22 -2.03 9.55 -10.56
CA ILE A 22 -2.43 9.26 -11.92
C ILE A 22 -2.85 10.62 -12.49
N GLY A 23 -2.30 10.97 -13.64
CA GLY A 23 -2.65 12.21 -14.29
C GLY A 23 -3.38 11.88 -15.59
N SER A 24 -4.12 12.85 -16.12
CA SER A 24 -4.87 12.60 -17.35
C SER A 24 -5.09 13.87 -18.18
N THR A 25 -5.06 13.73 -19.50
CA THR A 25 -5.30 14.85 -20.39
C THR A 25 -6.80 15.10 -20.43
N ASN A 26 -7.56 14.12 -19.94
CA ASN A 26 -9.01 14.23 -19.88
C ASN A 26 -9.42 13.89 -18.44
N PRO A 27 -9.67 14.92 -17.61
CA PRO A 27 -10.04 14.74 -16.19
C PRO A 27 -11.25 13.85 -15.93
N GLU A 28 -12.16 13.74 -16.90
CA GLU A 28 -13.34 12.90 -16.72
C GLU A 28 -12.97 11.46 -16.43
N LYS A 29 -11.92 10.98 -17.11
CA LYS A 29 -11.46 9.60 -16.97
C LYS A 29 -10.90 9.22 -15.58
N ILE A 30 -10.44 10.20 -14.82
CA ILE A 30 -9.90 9.89 -13.48
C ILE A 30 -10.71 10.50 -12.34
N GLN A 31 -11.74 11.27 -12.66
CA GLN A 31 -12.58 11.86 -11.62
C GLN A 31 -13.43 10.75 -11.05
N GLU A 32 -14.16 11.05 -9.99
CA GLU A 32 -15.00 10.06 -9.36
C GLU A 32 -15.81 9.26 -10.39
N ASN A 33 -15.85 7.95 -10.23
CA ASN A 33 -16.58 7.06 -11.13
C ASN A 33 -15.86 6.92 -12.46
N GLY A 34 -14.71 7.57 -12.61
CA GLY A 34 -13.97 7.47 -13.85
C GLY A 34 -13.43 6.07 -14.06
N PRO A 35 -13.27 5.65 -15.32
CA PRO A 35 -12.76 4.31 -15.62
C PRO A 35 -11.29 4.07 -15.25
N PHE A 36 -10.50 5.14 -15.19
CA PHE A 36 -9.10 5.00 -14.85
C PHE A 36 -8.69 5.51 -13.48
N ARG A 37 -9.66 5.58 -12.56
CA ARG A 37 -9.39 5.99 -11.18
C ARG A 37 -9.16 4.63 -10.52
N THR A 38 -8.00 4.06 -10.86
CA THR A 38 -7.60 2.74 -10.42
C THR A 38 -6.67 2.62 -9.24
N TYR A 39 -7.14 1.90 -8.21
CA TYR A 39 -6.39 1.64 -7.00
C TYR A 39 -5.71 0.27 -7.19
N PHE A 40 -4.45 0.27 -7.61
CA PHE A 40 -3.72 -0.98 -7.81
C PHE A 40 -3.59 -1.80 -6.53
N ARG A 41 -3.45 -3.12 -6.70
CA ARG A 41 -3.30 -4.02 -5.58
C ARG A 41 -2.09 -4.94 -5.81
N GLU A 42 -1.96 -5.42 -7.04
CA GLU A 42 -0.90 -6.35 -7.38
C GLU A 42 -0.51 -6.28 -8.86
N LEU A 43 0.75 -6.59 -9.15
CA LEU A 43 1.30 -6.62 -10.50
C LEU A 43 2.15 -7.89 -10.60
N VAL A 44 1.97 -8.65 -11.67
CA VAL A 44 2.74 -9.87 -11.84
C VAL A 44 3.40 -9.85 -13.23
N PHE A 45 4.74 -9.85 -13.24
CA PHE A 45 5.50 -9.82 -14.47
C PHE A 45 6.00 -11.21 -14.85
N ASP A 46 5.76 -11.60 -16.10
CA ASP A 46 6.20 -12.90 -16.60
C ASP A 46 7.16 -12.68 -17.77
N ASP A 47 8.45 -12.92 -17.53
CA ASP A 47 9.47 -12.71 -18.56
C ASP A 47 9.45 -13.73 -19.70
N GLU A 48 8.84 -14.89 -19.50
CA GLU A 48 8.79 -15.90 -20.54
C GLU A 48 7.74 -15.55 -21.58
N LYS A 49 6.49 -15.38 -21.11
CA LYS A 49 5.40 -15.03 -21.99
C LYS A 49 5.49 -13.55 -22.36
N GLY A 50 6.30 -12.81 -21.61
CA GLY A 50 6.45 -11.39 -21.87
C GLY A 50 5.16 -10.62 -21.65
N THR A 51 4.53 -10.87 -20.49
CA THR A 51 3.29 -10.19 -20.15
C THR A 51 3.34 -9.56 -18.76
N VAL A 52 2.27 -8.83 -18.43
CA VAL A 52 2.13 -8.16 -17.15
C VAL A 52 0.66 -8.24 -16.80
N ASP A 53 0.34 -8.77 -15.62
CA ASP A 53 -1.04 -8.84 -15.21
C ASP A 53 -1.30 -7.76 -14.16
N PHE A 54 -2.37 -6.99 -14.38
CA PHE A 54 -2.77 -5.91 -13.47
C PHE A 54 -3.95 -6.38 -12.65
N TYR A 55 -3.89 -6.17 -11.34
CA TYR A 55 -5.01 -6.52 -10.48
C TYR A 55 -5.30 -5.24 -9.73
N PHE A 56 -6.45 -4.64 -9.99
CA PHE A 56 -6.81 -3.39 -9.35
C PHE A 56 -8.29 -3.26 -9.06
N SER A 57 -8.65 -2.19 -8.37
CA SER A 57 -10.03 -1.92 -8.02
C SER A 57 -10.48 -0.58 -8.53
N VAL A 58 -11.72 -0.53 -9.00
CA VAL A 58 -12.30 0.70 -9.51
C VAL A 58 -13.76 0.73 -9.08
N LYS A 59 -14.25 1.92 -8.75
CA LYS A 59 -15.63 2.07 -8.33
C LYS A 59 -16.44 2.46 -9.57
N ARG A 60 -17.40 1.64 -9.94
CA ARG A 60 -18.24 1.88 -11.10
C ARG A 60 -19.72 1.80 -10.77
N ASP A 61 -20.46 2.85 -11.10
CA ASP A 61 -21.90 2.86 -10.84
C ASP A 61 -22.21 2.70 -9.37
N GLY A 62 -21.33 3.23 -8.51
CA GLY A 62 -21.54 3.14 -7.09
C GLY A 62 -21.09 1.85 -6.45
N LYS A 63 -20.60 0.90 -7.26
CA LYS A 63 -20.12 -0.38 -6.75
C LYS A 63 -18.63 -0.54 -6.98
N TRP A 64 -17.98 -1.31 -6.11
CA TRP A 64 -16.55 -1.56 -6.22
C TRP A 64 -16.28 -2.81 -7.03
N LYS A 65 -15.41 -2.68 -8.02
CA LYS A 65 -15.05 -3.79 -8.88
C LYS A 65 -13.56 -4.14 -8.84
N ASN A 66 -13.26 -5.44 -8.77
CA ASN A 66 -11.86 -5.90 -8.78
C ASN A 66 -11.61 -6.34 -10.22
N VAL A 67 -10.70 -5.65 -10.88
CA VAL A 67 -10.40 -5.94 -12.26
C VAL A 67 -9.04 -6.59 -12.45
N HIS A 68 -8.99 -7.49 -13.42
CA HIS A 68 -7.79 -8.20 -13.80
C HIS A 68 -7.58 -7.96 -15.29
N VAL A 69 -6.47 -7.32 -15.64
CA VAL A 69 -6.15 -7.03 -17.02
C VAL A 69 -4.80 -7.68 -17.33
N LYS A 70 -4.62 -8.13 -18.57
CA LYS A 70 -3.38 -8.78 -19.00
C LYS A 70 -2.81 -7.97 -20.14
N ALA A 71 -1.55 -7.55 -20.00
CA ALA A 71 -0.91 -6.75 -21.03
C ALA A 71 0.19 -7.54 -21.71
N THR A 72 0.32 -7.37 -23.03
CA THR A 72 1.34 -8.09 -23.79
C THR A 72 2.37 -7.15 -24.40
N LYS A 73 3.63 -7.49 -24.17
CA LYS A 73 4.75 -6.72 -24.67
C LYS A 73 4.87 -6.83 -26.19
N GLN A 74 5.53 -5.84 -26.80
CA GLN A 74 5.71 -5.84 -28.23
C GLN A 74 7.17 -5.59 -28.57
N ASP A 75 7.55 -5.91 -29.80
CA ASP A 75 8.92 -5.71 -30.27
C ASP A 75 9.26 -4.27 -29.99
N ASP A 76 8.23 -3.44 -30.07
CA ASP A 76 8.33 -2.01 -29.84
C ASP A 76 8.85 -1.72 -28.44
N GLY A 77 8.48 -2.58 -27.49
CA GLY A 77 8.89 -2.41 -26.11
C GLY A 77 7.68 -2.06 -25.26
N THR A 78 6.69 -1.44 -25.90
CA THR A 78 5.46 -1.04 -25.24
C THR A 78 4.60 -2.26 -25.01
N TYR A 79 3.52 -2.09 -24.25
CA TYR A 79 2.61 -3.19 -23.99
C TYR A 79 1.24 -2.79 -24.48
N VAL A 80 0.45 -3.80 -24.86
CA VAL A 80 -0.91 -3.54 -25.33
C VAL A 80 -1.87 -4.24 -24.38
N ALA A 81 -3.05 -3.67 -24.18
CA ALA A 81 -4.02 -4.26 -23.29
C ALA A 81 -5.40 -3.69 -23.57
N ASP A 82 -6.42 -4.50 -23.32
CA ASP A 82 -7.80 -4.08 -23.51
C ASP A 82 -8.47 -3.76 -22.19
N TYR A 83 -8.87 -2.51 -22.03
CA TYR A 83 -9.56 -2.05 -20.83
C TYR A 83 -10.15 -0.70 -21.20
N GLU A 84 -11.49 -0.62 -21.22
CA GLU A 84 -12.18 0.62 -21.59
C GLU A 84 -11.57 1.16 -22.90
N GLY A 85 -11.43 0.28 -23.88
CA GLY A 85 -10.85 0.66 -25.16
C GLY A 85 -9.55 -0.08 -25.38
N GLN A 86 -8.67 0.47 -26.20
CA GLN A 86 -7.39 -0.17 -26.46
C GLN A 86 -6.31 0.68 -25.79
N ASN A 87 -5.34 0.03 -25.16
CA ASN A 87 -4.29 0.77 -24.46
C ASN A 87 -2.89 0.41 -24.91
N VAL A 88 -2.04 1.42 -25.02
CA VAL A 88 -0.62 1.24 -25.35
C VAL A 88 0.07 1.91 -24.18
N PHE A 89 0.68 1.05 -23.42
N PHE A 89 0.61 1.09 -23.26
CA PHE A 89 1.34 1.37 -22.15
CA PHE A 89 1.32 1.72 -22.17
C PHE A 89 2.88 1.32 -22.19
C PHE A 89 2.80 1.44 -22.25
N LYS A 90 3.55 2.39 -21.73
CA LYS A 90 5.01 2.38 -21.74
C LYS A 90 5.63 2.65 -20.38
N ILE A 91 6.56 1.80 -19.98
CA ILE A 91 7.25 1.97 -18.69
C ILE A 91 8.41 2.93 -18.88
N VAL A 92 8.24 4.15 -18.38
CA VAL A 92 9.26 5.17 -18.49
C VAL A 92 10.38 5.00 -17.47
N SER A 93 10.02 4.68 -16.22
CA SER A 93 11.03 4.48 -15.16
C SER A 93 10.59 3.32 -14.27
N LEU A 94 11.54 2.46 -13.92
CA LEU A 94 11.23 1.29 -13.09
C LEU A 94 12.40 0.89 -12.17
N SER A 95 12.05 0.33 -11.01
CA SER A 95 13.03 -0.16 -10.02
C SER A 95 12.30 -1.02 -8.99
N ARG A 96 13.05 -1.63 -8.07
CA ARG A 96 12.47 -2.50 -7.04
C ARG A 96 11.41 -1.78 -6.20
N THR A 97 11.40 -0.46 -6.25
CA THR A 97 10.47 0.34 -5.47
C THR A 97 9.38 1.15 -6.20
N HIS A 98 9.70 1.70 -7.37
CA HIS A 98 8.73 2.52 -8.08
C HIS A 98 8.53 2.14 -9.54
N LEU A 99 7.46 2.69 -10.10
CA LEU A 99 7.12 2.51 -11.50
C LEU A 99 6.48 3.80 -11.99
N VAL A 100 7.08 4.39 -13.02
CA VAL A 100 6.52 5.59 -13.62
C VAL A 100 6.14 5.15 -15.02
N ALA A 101 4.85 5.25 -15.34
CA ALA A 101 4.39 4.80 -16.64
C ALA A 101 3.51 5.81 -17.36
N HIS A 102 3.42 5.62 -18.68
CA HIS A 102 2.63 6.47 -19.55
C HIS A 102 1.70 5.56 -20.34
N ASN A 103 0.42 5.87 -20.35
CA ASN A 103 -0.55 5.07 -21.07
C ASN A 103 -1.39 5.90 -22.04
N ILE A 104 -1.63 5.35 -23.23
CA ILE A 104 -2.44 5.99 -24.27
C ILE A 104 -3.70 5.16 -24.45
N ASN A 105 -4.86 5.74 -24.15
CA ASN A 105 -6.10 5.03 -24.31
C ASN A 105 -7.01 5.67 -25.34
N VAL A 106 -7.64 4.82 -26.14
CA VAL A 106 -8.56 5.25 -27.17
C VAL A 106 -9.85 4.53 -26.83
N ASP A 107 -10.85 5.28 -26.36
CA ASP A 107 -12.10 4.66 -25.97
C ASP A 107 -12.90 4.21 -27.21
N LYS A 108 -14.13 3.72 -26.96
CA LYS A 108 -15.00 3.22 -28.04
C LYS A 108 -15.38 4.35 -29.02
N HIS A 109 -15.33 5.60 -28.57
CA HIS A 109 -15.69 6.65 -29.50
C HIS A 109 -14.48 7.24 -30.19
N GLY A 110 -13.35 6.54 -30.14
CA GLY A 110 -12.13 7.01 -30.78
C GLY A 110 -11.44 8.14 -30.05
N GLN A 111 -11.89 8.44 -28.83
CA GLN A 111 -11.31 9.53 -28.05
C GLN A 111 -9.96 9.07 -27.51
N THR A 112 -8.94 9.90 -27.70
CA THR A 112 -7.61 9.57 -27.24
C THR A 112 -7.27 10.26 -25.93
N THR A 113 -6.95 9.48 -24.91
CA THR A 113 -6.57 10.01 -23.62
C THR A 113 -5.15 9.56 -23.27
N GLU A 114 -4.34 10.48 -22.77
CA GLU A 114 -2.99 10.12 -22.38
C GLU A 114 -2.92 10.24 -20.85
N LEU A 115 -2.46 9.19 -20.19
CA LEU A 115 -2.37 9.18 -18.74
C LEU A 115 -0.97 8.88 -18.26
N THR A 116 -0.57 9.53 -17.17
CA THR A 116 0.75 9.29 -16.56
C THR A 116 0.47 8.71 -15.18
N GLU A 117 1.39 7.92 -14.66
CA GLU A 117 1.16 7.33 -13.36
C GLU A 117 2.40 6.95 -12.60
N LEU A 118 2.28 7.00 -11.28
CA LEU A 118 3.36 6.66 -10.38
C LEU A 118 2.79 5.64 -9.43
N PHE A 119 3.43 4.48 -9.36
CA PHE A 119 2.99 3.41 -8.48
C PHE A 119 4.20 2.98 -7.64
N VAL A 120 3.96 2.56 -6.41
CA VAL A 120 5.04 2.12 -5.54
C VAL A 120 4.80 0.71 -5.03
N LYS A 121 5.88 -0.02 -4.84
CA LYS A 121 5.80 -1.39 -4.39
C LYS A 121 5.86 -1.53 -2.89
N LEU A 122 5.07 -2.47 -2.38
CA LEU A 122 5.06 -2.72 -0.95
C LEU A 122 6.00 -3.90 -0.75
N ASN A 123 7.23 -3.60 -0.39
CA ASN A 123 8.26 -4.61 -0.18
C ASN A 123 8.32 -5.23 1.19
N VAL A 124 8.21 -6.55 1.24
CA VAL A 124 8.29 -7.28 2.51
C VAL A 124 9.54 -8.14 2.44
N GLU A 125 10.57 -7.73 3.18
CA GLU A 125 11.83 -8.47 3.20
C GLU A 125 11.73 -9.76 3.98
N ASP A 126 12.58 -10.72 3.61
CA ASP A 126 12.60 -12.01 4.29
C ASP A 126 13.07 -11.87 5.73
N GLU A 127 14.09 -11.04 5.95
CA GLU A 127 14.62 -10.82 7.29
C GLU A 127 13.57 -10.32 8.26
N ASP A 128 12.69 -9.45 7.79
CA ASP A 128 11.66 -8.90 8.65
C ASP A 128 10.51 -9.89 8.86
N LEU A 129 10.29 -10.75 7.87
CA LEU A 129 9.24 -11.76 7.98
C LEU A 129 9.65 -12.81 9.00
N GLU A 130 10.96 -13.08 9.06
N GLU A 130 10.95 -13.09 9.06
CA GLU A 130 11.47 -14.08 9.99
CA GLU A 130 11.50 -14.06 10.01
C GLU A 130 11.40 -13.52 11.43
C GLU A 130 11.40 -13.53 11.42
N LYS A 131 11.68 -12.24 11.58
CA LYS A 131 11.63 -11.60 12.90
C LYS A 131 10.19 -11.66 13.42
N PHE A 132 9.22 -11.52 12.53
CA PHE A 132 7.79 -11.57 12.90
C PHE A 132 7.36 -12.97 13.31
N TRP A 133 7.74 -13.95 12.50
CA TRP A 133 7.38 -15.33 12.79
C TRP A 133 8.03 -15.82 14.07
N LYS A 134 9.30 -15.47 14.29
CA LYS A 134 9.97 -15.89 15.52
C LYS A 134 9.25 -15.26 16.71
N LEU A 135 9.03 -13.95 16.65
CA LEU A 135 8.35 -13.25 17.73
C LEU A 135 6.98 -13.86 17.98
N THR A 136 6.29 -14.17 16.89
CA THR A 136 4.97 -14.75 16.96
C THR A 136 5.01 -16.13 17.60
N GLU A 137 6.09 -16.87 17.34
CA GLU A 137 6.27 -18.20 17.91
C GLU A 137 6.61 -18.12 19.40
N ASP A 138 7.44 -17.15 19.79
CA ASP A 138 7.81 -16.96 21.19
C ASP A 138 6.59 -16.63 22.06
N LYS A 139 5.61 -15.95 21.47
CA LYS A 139 4.40 -15.57 22.22
C LYS A 139 3.36 -16.69 22.20
N GLY A 140 3.76 -17.84 21.67
CA GLY A 140 2.87 -18.98 21.59
C GLY A 140 1.64 -18.81 20.72
N ILE A 141 1.75 -18.01 19.67
CA ILE A 141 0.63 -17.78 18.76
C ILE A 141 0.63 -18.82 17.62
N ASP A 142 -0.53 -19.43 17.37
CA ASP A 142 -0.64 -20.44 16.32
C ASP A 142 -0.68 -19.80 14.94
N LYS A 143 0.07 -20.37 13.99
CA LYS A 143 0.13 -19.83 12.63
C LYS A 143 -1.27 -19.62 12.08
N LYS A 144 -2.22 -20.37 12.62
CA LYS A 144 -3.61 -20.27 12.20
C LYS A 144 -4.27 -19.01 12.76
N ASN A 145 -3.69 -18.46 13.82
CA ASN A 145 -4.27 -17.26 14.41
C ASN A 145 -3.56 -16.01 13.94
N VAL A 146 -3.10 -16.05 12.69
CA VAL A 146 -2.41 -14.95 12.08
C VAL A 146 -3.17 -14.58 10.82
N VAL A 147 -3.47 -13.29 10.67
CA VAL A 147 -4.20 -12.79 9.53
C VAL A 147 -3.30 -12.03 8.55
N ASN A 148 -3.57 -12.24 7.26
CA ASN A 148 -2.82 -11.59 6.18
C ASN A 148 -3.66 -10.41 5.71
N PHE A 149 -3.16 -9.19 5.90
CA PHE A 149 -3.89 -8.00 5.51
C PHE A 149 -3.47 -7.51 4.12
N LEU A 150 -2.47 -8.14 3.53
CA LEU A 150 -2.01 -7.72 2.21
C LEU A 150 -2.85 -8.34 1.10
N GLU A 151 -3.33 -9.54 1.33
CA GLU A 151 -4.17 -10.23 0.36
C GLU A 151 -5.47 -10.62 1.05
N ASN A 152 -6.32 -9.62 1.30
CA ASN A 152 -7.60 -9.86 1.94
C ASN A 152 -8.65 -8.99 1.28
N GLU A 153 -9.71 -9.62 0.78
CA GLU A 153 -10.81 -8.94 0.11
C GLU A 153 -11.59 -7.98 1.02
N ASN A 154 -11.65 -8.31 2.32
CA ASN A 154 -12.36 -7.50 3.30
C ASN A 154 -11.48 -6.31 3.71
N HIS A 155 -11.29 -5.34 2.81
CA HIS A 155 -10.47 -4.16 3.09
C HIS A 155 -11.25 -2.83 2.96
N PRO A 156 -10.77 -1.76 3.62
CA PRO A 156 -11.42 -0.45 3.59
C PRO A 156 -11.57 0.14 2.19
N HIS A 157 -12.49 1.09 2.06
CA HIS A 157 -12.74 1.74 0.77
C HIS A 157 -12.16 3.15 0.79
N PRO A 158 -11.31 3.47 -0.20
CA PRO A 158 -10.72 4.80 -0.28
C PRO A 158 -11.73 5.88 -0.65
N GLU A 159 -12.88 5.46 -1.15
CA GLU A 159 -13.94 6.40 -1.56
C GLU A 159 -15.22 5.66 -1.98
N GLU B 3 24.10 10.30 -6.17
CA GLU B 3 23.61 9.29 -5.20
C GLU B 3 23.54 9.85 -3.77
N GLU B 4 22.33 10.08 -3.27
CA GLU B 4 22.15 10.62 -1.92
C GLU B 4 20.94 10.06 -1.18
N GLU B 5 21.01 10.05 0.14
CA GLU B 5 19.91 9.54 0.95
C GLU B 5 19.60 10.52 2.09
N ALA B 6 18.32 10.72 2.36
CA ALA B 6 17.92 11.63 3.43
C ALA B 6 18.52 11.18 4.75
N GLU B 7 18.74 12.15 5.64
CA GLU B 7 19.31 11.86 6.95
C GLU B 7 18.30 11.03 7.74
N GLN B 8 18.77 10.00 8.42
CA GLN B 8 17.90 9.13 9.21
C GLN B 8 17.44 9.76 10.53
N ASN B 9 16.12 9.86 10.69
CA ASN B 9 15.52 10.43 11.89
C ASN B 9 14.25 9.64 12.22
N LEU B 10 13.78 9.70 13.47
CA LEU B 10 12.57 8.98 13.86
C LEU B 10 11.36 9.62 13.20
N SER B 11 11.35 10.94 13.18
CA SER B 11 10.27 11.69 12.57
C SER B 11 10.29 11.47 11.07
N GLU B 12 11.40 10.93 10.57
CA GLU B 12 11.54 10.66 9.14
C GLU B 12 10.80 9.36 8.83
N LEU B 13 10.48 8.60 9.87
CA LEU B 13 9.76 7.35 9.71
C LEU B 13 8.25 7.60 9.57
N SER B 14 7.82 8.79 9.99
CA SER B 14 6.41 9.18 9.93
C SER B 14 5.93 9.12 8.47
N GLY B 15 4.68 8.77 8.26
CA GLY B 15 4.14 8.69 6.91
C GLY B 15 3.16 7.56 6.75
N PRO B 16 2.85 7.16 5.50
CA PRO B 16 1.91 6.08 5.23
C PRO B 16 2.49 4.69 5.54
N TRP B 17 1.77 3.92 6.38
CA TRP B 17 2.16 2.56 6.78
C TRP B 17 0.98 1.62 6.54
N ARG B 18 1.29 0.36 6.25
CA ARG B 18 0.27 -0.64 5.97
C ARG B 18 0.47 -1.89 6.82
N THR B 19 -0.63 -2.52 7.23
CA THR B 19 -0.52 -3.74 8.02
C THR B 19 -0.24 -4.90 7.08
N VAL B 20 0.68 -5.78 7.47
CA VAL B 20 0.97 -6.93 6.64
C VAL B 20 0.38 -8.17 7.32
N TYR B 21 0.76 -8.38 8.58
CA TYR B 21 0.30 -9.51 9.39
C TYR B 21 0.04 -9.07 10.83
N ILE B 22 -0.98 -9.66 11.44
CA ILE B 22 -1.26 -9.44 12.86
C ILE B 22 -1.60 -10.80 13.44
N GLY B 23 -0.95 -11.17 14.54
CA GLY B 23 -1.23 -12.45 15.18
C GLY B 23 -1.82 -12.19 16.56
N SER B 24 -2.69 -13.08 17.05
CA SER B 24 -3.30 -12.90 18.37
C SER B 24 -3.41 -14.21 19.15
N THR B 25 -3.22 -14.14 20.46
CA THR B 25 -3.36 -15.33 21.30
C THR B 25 -4.85 -15.62 21.45
N ASN B 26 -5.67 -14.60 21.24
CA ASN B 26 -7.12 -14.73 21.30
C ASN B 26 -7.65 -14.43 19.89
N PRO B 27 -8.01 -15.48 19.13
CA PRO B 27 -8.52 -15.33 17.76
C PRO B 27 -9.71 -14.39 17.55
N GLU B 28 -10.59 -14.29 18.55
N GLU B 28 -10.59 -14.29 18.55
CA GLU B 28 -11.77 -13.44 18.44
CA GLU B 28 -11.77 -13.44 18.44
C GLU B 28 -11.39 -11.97 18.30
C GLU B 28 -11.39 -11.97 18.30
N LYS B 29 -10.27 -11.57 18.87
CA LYS B 29 -9.81 -10.18 18.78
C LYS B 29 -9.45 -9.71 17.37
N ILE B 30 -9.05 -10.64 16.49
CA ILE B 30 -8.68 -10.27 15.13
C ILE B 30 -9.56 -10.86 14.04
N GLN B 31 -10.68 -11.46 14.42
CA GLN B 31 -11.62 -12.01 13.46
C GLN B 31 -12.50 -10.84 13.01
N GLU B 32 -13.29 -11.05 11.96
CA GLU B 32 -14.15 -9.97 11.47
C GLU B 32 -14.92 -9.37 12.65
N ASN B 33 -15.01 -8.04 12.66
CA ASN B 33 -15.66 -7.27 13.74
C ASN B 33 -14.82 -7.23 15.01
N GLY B 34 -13.60 -7.75 14.95
CA GLY B 34 -12.72 -7.73 16.11
C GLY B 34 -12.02 -6.38 16.20
N PRO B 35 -11.81 -5.84 17.40
CA PRO B 35 -11.15 -4.53 17.55
C PRO B 35 -9.69 -4.45 17.08
N PHE B 36 -9.02 -5.58 16.93
CA PHE B 36 -7.63 -5.51 16.49
C PHE B 36 -7.36 -6.00 15.07
N ARG B 37 -8.41 -6.04 14.25
CA ARG B 37 -8.22 -6.41 12.84
C ARG B 37 -8.06 -5.00 12.22
N THR B 38 -6.92 -4.39 12.53
CA THR B 38 -6.62 -3.03 12.13
C THR B 38 -5.83 -2.82 10.84
N TYR B 39 -6.40 -2.03 9.93
CA TYR B 39 -5.73 -1.70 8.67
C TYR B 39 -5.08 -0.35 8.89
N PHE B 40 -3.74 -0.33 9.01
CA PHE B 40 -3.02 0.92 9.24
C PHE B 40 -3.04 1.89 8.07
N ARG B 41 -3.06 3.18 8.38
CA ARG B 41 -3.07 4.21 7.35
C ARG B 41 -1.80 5.06 7.44
N GLU B 42 -1.52 5.57 8.64
CA GLU B 42 -0.34 6.41 8.86
C GLU B 42 0.15 6.32 10.27
N LEU B 43 1.44 6.54 10.45
CA LEU B 43 2.04 6.55 11.78
C LEU B 43 2.80 7.86 11.83
N VAL B 44 2.77 8.52 12.99
CA VAL B 44 3.49 9.77 13.17
C VAL B 44 4.31 9.67 14.44
N PHE B 45 5.64 9.68 14.28
CA PHE B 45 6.55 9.59 15.42
C PHE B 45 7.01 10.98 15.82
N ASP B 46 7.09 11.22 17.11
CA ASP B 46 7.55 12.50 17.61
C ASP B 46 8.62 12.29 18.67
N ASP B 47 9.87 12.56 18.30
CA ASP B 47 11.04 12.41 19.18
C ASP B 47 11.00 13.24 20.45
N GLU B 48 10.81 14.54 20.30
CA GLU B 48 10.75 15.45 21.42
C GLU B 48 9.71 15.05 22.47
N LYS B 49 8.48 14.78 22.01
CA LYS B 49 7.40 14.41 22.93
C LYS B 49 7.36 12.95 23.39
N GLY B 50 8.03 12.07 22.66
CA GLY B 50 8.02 10.67 23.03
C GLY B 50 6.66 10.05 22.79
N THR B 51 6.08 10.32 21.63
CA THR B 51 4.77 9.79 21.28
C THR B 51 4.74 9.22 19.89
N VAL B 52 3.74 8.39 19.66
CA VAL B 52 3.49 7.80 18.36
C VAL B 52 1.99 7.93 18.15
N ASP B 53 1.59 8.50 17.03
CA ASP B 53 0.18 8.63 16.71
C ASP B 53 -0.14 7.57 15.68
N PHE B 54 -1.19 6.80 15.97
CA PHE B 54 -1.66 5.71 15.10
C PHE B 54 -2.93 6.12 14.35
N TYR B 55 -2.95 5.90 13.04
CA TYR B 55 -4.14 6.19 12.24
C TYR B 55 -4.47 4.90 11.49
N PHE B 56 -5.60 4.29 11.84
CA PHE B 56 -6.02 3.05 11.20
C PHE B 56 -7.53 2.96 11.04
N SER B 57 -7.98 1.91 10.35
CA SER B 57 -9.39 1.66 10.13
C SER B 57 -9.72 0.26 10.64
N VAL B 58 -10.93 0.10 11.17
CA VAL B 58 -11.35 -1.18 11.67
C VAL B 58 -12.87 -1.29 11.46
N LYS B 59 -13.32 -2.48 11.08
CA LYS B 59 -14.74 -2.73 10.82
C LYS B 59 -15.44 -3.10 12.13
N ARG B 60 -16.56 -2.45 12.36
CA ARG B 60 -17.33 -2.69 13.58
C ARG B 60 -18.80 -2.59 13.22
N ASP B 61 -19.53 -3.65 13.48
CA ASP B 61 -20.96 -3.69 13.18
C ASP B 61 -21.18 -3.45 11.69
N GLY B 62 -20.39 -4.14 10.86
CA GLY B 62 -20.51 -4.01 9.42
C GLY B 62 -20.11 -2.65 8.85
N LYS B 63 -19.52 -1.79 9.68
CA LYS B 63 -19.11 -0.48 9.20
C LYS B 63 -17.68 -0.10 9.54
N TRP B 64 -16.99 0.42 8.54
CA TRP B 64 -15.61 0.85 8.70
C TRP B 64 -15.50 2.14 9.48
N LYS B 65 -14.62 2.14 10.47
CA LYS B 65 -14.41 3.30 11.31
C LYS B 65 -12.94 3.74 11.18
N ASN B 66 -12.71 5.04 11.19
CA ASN B 66 -11.34 5.54 11.14
C ASN B 66 -11.02 5.87 12.60
N VAL B 67 -9.91 5.35 13.10
CA VAL B 67 -9.56 5.57 14.49
C VAL B 67 -8.16 6.17 14.65
N HIS B 68 -8.03 7.03 15.67
CA HIS B 68 -6.76 7.68 16.01
C HIS B 68 -6.42 7.33 17.45
N VAL B 69 -5.21 6.83 17.66
CA VAL B 69 -4.73 6.48 18.98
C VAL B 69 -3.32 7.07 19.21
N LYS B 70 -3.15 7.71 20.36
CA LYS B 70 -1.88 8.33 20.68
C LYS B 70 -1.23 7.50 21.78
N ALA B 71 -0.04 6.99 21.50
CA ALA B 71 0.71 6.19 22.47
C ALA B 71 1.84 7.04 23.02
N THR B 72 2.12 6.88 24.31
CA THR B 72 3.18 7.63 24.98
C THR B 72 4.28 6.69 25.49
N LYS B 73 5.51 7.06 25.20
CA LYS B 73 6.67 6.28 25.58
C LYS B 73 6.96 6.33 27.08
N GLN B 74 7.44 5.22 27.61
CA GLN B 74 7.83 5.13 29.03
C GLN B 74 9.35 5.08 29.12
N ASP B 75 9.88 5.17 30.33
CA ASP B 75 11.33 5.14 30.55
C ASP B 75 11.94 3.84 30.04
N ASP B 76 11.22 2.73 30.21
CA ASP B 76 11.74 1.45 29.74
C ASP B 76 11.65 1.34 28.21
N GLY B 77 11.24 2.41 27.54
CA GLY B 77 11.15 2.40 26.10
C GLY B 77 9.87 1.89 25.48
N THR B 78 9.00 1.30 26.29
CA THR B 78 7.74 0.78 25.77
C THR B 78 6.73 1.91 25.73
N TYR B 79 5.62 1.67 25.05
CA TYR B 79 4.59 2.68 24.91
C TYR B 79 3.28 2.24 25.55
N VAL B 80 2.50 3.20 26.00
CA VAL B 80 1.21 2.89 26.59
C VAL B 80 0.16 3.59 25.74
N ALA B 81 -0.98 2.94 25.59
CA ALA B 81 -2.06 3.49 24.78
C ALA B 81 -3.41 2.98 25.25
N ASP B 82 -4.40 3.86 25.18
CA ASP B 82 -5.75 3.51 25.57
C ASP B 82 -6.54 3.19 24.31
N TYR B 83 -6.94 1.94 24.15
CA TYR B 83 -7.72 1.50 23.01
C TYR B 83 -8.29 0.14 23.36
N GLU B 84 -9.60 0.06 23.49
CA GLU B 84 -10.27 -1.18 23.86
C GLU B 84 -9.58 -1.77 25.09
N GLY B 85 -9.37 -0.95 26.12
CA GLY B 85 -8.70 -1.39 27.33
C GLY B 85 -7.36 -0.68 27.36
N GLN B 86 -6.43 -1.19 28.18
N GLN B 86 -6.44 -1.19 28.18
CA GLN B 86 -5.10 -0.60 28.27
CA GLN B 86 -5.10 -0.61 28.28
C GLN B 86 -4.13 -1.46 27.46
C GLN B 86 -4.13 -1.47 27.45
N ASN B 87 -3.17 -0.81 26.80
CA ASN B 87 -2.20 -1.50 25.97
C ASN B 87 -0.77 -1.10 26.31
N VAL B 88 0.14 -2.06 26.27
CA VAL B 88 1.57 -1.82 26.46
C VAL B 88 2.17 -2.33 25.16
N PHE B 89 2.63 -1.37 24.36
CA PHE B 89 3.18 -1.60 23.03
C PHE B 89 4.71 -1.60 23.05
N LYS B 90 5.30 -2.61 22.42
CA LYS B 90 6.76 -2.72 22.36
C LYS B 90 7.26 -2.89 20.92
N ILE B 91 8.18 -2.02 20.53
CA ILE B 91 8.75 -2.10 19.18
C ILE B 91 9.92 -3.07 19.17
N VAL B 92 9.76 -4.21 18.49
CA VAL B 92 10.79 -5.25 18.42
C VAL B 92 11.88 -4.98 17.37
N SER B 93 11.49 -4.43 16.21
CA SER B 93 12.43 -4.10 15.14
C SER B 93 11.81 -2.95 14.38
N LEU B 94 12.61 -1.92 14.08
CA LEU B 94 12.13 -0.74 13.36
C LEU B 94 13.17 -0.17 12.43
N SER B 95 12.76 0.07 11.20
CA SER B 95 13.64 0.66 10.21
C SER B 95 12.80 1.48 9.24
N ARG B 96 13.48 2.12 8.30
CA ARG B 96 12.83 2.95 7.30
C ARG B 96 11.74 2.23 6.51
N THR B 97 11.79 0.90 6.49
CA THR B 97 10.80 0.14 5.73
C THR B 97 9.88 -0.82 6.48
N HIS B 98 10.21 -1.15 7.71
CA HIS B 98 9.37 -2.09 8.42
C HIS B 98 9.27 -1.82 9.91
N LEU B 99 8.25 -2.40 10.53
CA LEU B 99 8.02 -2.29 11.97
C LEU B 99 7.47 -3.63 12.44
N VAL B 100 8.07 -4.19 13.48
CA VAL B 100 7.62 -5.46 14.05
C VAL B 100 7.33 -5.11 15.50
N ALA B 101 6.09 -5.30 15.93
CA ALA B 101 5.77 -4.93 17.30
C ALA B 101 5.02 -5.98 18.09
N HIS B 102 5.12 -5.87 19.41
CA HIS B 102 4.44 -6.79 20.32
C HIS B 102 3.53 -5.91 21.18
N ASN B 103 2.25 -6.26 21.28
CA ASN B 103 1.31 -5.50 22.08
C ASN B 103 0.60 -6.41 23.07
N ILE B 104 0.47 -5.93 24.30
CA ILE B 104 -0.23 -6.65 25.34
C ILE B 104 -1.46 -5.80 25.57
N ASN B 105 -2.64 -6.41 25.54
CA ASN B 105 -3.87 -5.68 25.78
C ASN B 105 -4.68 -6.33 26.90
N VAL B 106 -5.22 -5.51 27.78
CA VAL B 106 -6.04 -5.99 28.87
C VAL B 106 -7.38 -5.27 28.70
N ASP B 107 -8.45 -5.98 28.39
CA ASP B 107 -9.74 -5.34 28.19
C ASP B 107 -10.46 -4.89 29.46
N LYS B 108 -11.64 -4.34 29.27
CA LYS B 108 -12.48 -3.86 30.36
C LYS B 108 -12.97 -4.95 31.30
N HIS B 109 -12.59 -6.20 31.04
CA HIS B 109 -13.02 -7.33 31.88
C HIS B 109 -11.86 -8.06 32.56
N GLY B 110 -10.64 -7.56 32.34
CA GLY B 110 -9.45 -8.17 32.95
C GLY B 110 -8.84 -9.30 32.10
N GLN B 111 -9.34 -9.43 30.87
CA GLN B 111 -8.87 -10.46 29.93
C GLN B 111 -7.65 -9.93 29.17
N THR B 112 -6.57 -10.72 29.21
CA THR B 112 -5.31 -10.37 28.56
C THR B 112 -5.14 -11.05 27.19
N THR B 113 -4.74 -10.27 26.19
CA THR B 113 -4.51 -10.80 24.84
C THR B 113 -3.15 -10.28 24.40
N GLU B 114 -2.34 -11.17 23.83
CA GLU B 114 -1.03 -10.76 23.35
C GLU B 114 -1.00 -10.82 21.83
N LEU B 115 -0.67 -9.68 21.21
CA LEU B 115 -0.64 -9.58 19.77
C LEU B 115 0.73 -9.26 19.18
N THR B 116 0.96 -9.72 17.96
CA THR B 116 2.21 -9.44 17.26
C THR B 116 1.79 -8.87 15.92
N GLU B 117 2.64 -8.03 15.34
CA GLU B 117 2.32 -7.45 14.06
C GLU B 117 3.51 -7.07 13.21
N LEU B 118 3.29 -7.11 11.90
CA LEU B 118 4.32 -6.71 10.96
C LEU B 118 3.67 -5.64 10.09
N PHE B 119 4.30 -4.47 10.07
CA PHE B 119 3.78 -3.36 9.27
C PHE B 119 4.88 -2.92 8.33
N VAL B 120 4.50 -2.32 7.22
CA VAL B 120 5.47 -1.87 6.25
C VAL B 120 5.15 -0.43 5.86
N LYS B 121 6.19 0.33 5.56
CA LYS B 121 6.01 1.72 5.17
C LYS B 121 6.02 1.86 3.66
N LEU B 122 5.17 2.76 3.18
CA LEU B 122 5.04 3.03 1.76
C LEU B 122 5.90 4.26 1.48
N ASN B 123 7.11 4.04 0.97
CA ASN B 123 8.05 5.13 0.68
C ASN B 123 7.99 5.70 -0.71
N VAL B 124 7.91 7.01 -0.78
CA VAL B 124 7.89 7.69 -2.06
C VAL B 124 9.11 8.57 -2.08
N GLU B 125 10.06 8.21 -2.94
CA GLU B 125 11.31 8.93 -3.09
C GLU B 125 11.16 10.22 -3.89
N ASP B 126 11.93 11.24 -3.50
CA ASP B 126 11.91 12.52 -4.18
C ASP B 126 12.21 12.42 -5.67
N GLU B 127 13.25 11.68 -6.05
CA GLU B 127 13.60 11.58 -7.47
C GLU B 127 12.52 10.90 -8.28
N ASP B 128 11.75 10.04 -7.65
CA ASP B 128 10.69 9.36 -8.37
C ASP B 128 9.52 10.29 -8.59
N LEU B 129 9.28 11.19 -7.63
CA LEU B 129 8.20 12.15 -7.77
C LEU B 129 8.52 13.11 -8.89
N GLU B 130 9.79 13.49 -8.99
CA GLU B 130 10.23 14.43 -10.02
C GLU B 130 10.07 13.83 -11.41
N LYS B 131 10.41 12.56 -11.54
CA LYS B 131 10.28 11.86 -12.82
C LYS B 131 8.82 11.83 -13.23
N PHE B 132 7.92 11.58 -12.28
CA PHE B 132 6.49 11.56 -12.56
C PHE B 132 6.05 12.94 -13.02
N TRP B 133 6.40 13.98 -12.28
CA TRP B 133 6.00 15.33 -12.66
C TRP B 133 6.59 15.83 -13.97
N LYS B 134 7.82 15.41 -14.30
CA LYS B 134 8.44 15.81 -15.56
C LYS B 134 7.67 15.13 -16.69
N LEU B 135 7.38 13.85 -16.52
CA LEU B 135 6.63 13.10 -17.52
C LEU B 135 5.23 13.69 -17.70
N THR B 136 4.62 14.10 -16.59
CA THR B 136 3.27 14.65 -16.65
C THR B 136 3.22 15.97 -17.40
N GLU B 137 4.25 16.78 -17.23
CA GLU B 137 4.26 18.05 -17.92
C GLU B 137 4.64 17.86 -19.38
N ASP B 138 5.48 16.87 -19.67
CA ASP B 138 5.88 16.58 -21.04
C ASP B 138 4.64 16.28 -21.89
N LYS B 139 3.63 15.69 -21.25
CA LYS B 139 2.40 15.32 -21.94
C LYS B 139 1.36 16.41 -21.87
N GLY B 140 1.78 17.58 -21.40
CA GLY B 140 0.86 18.69 -21.28
C GLY B 140 -0.35 18.46 -20.39
N ILE B 141 -0.14 17.76 -19.28
CA ILE B 141 -1.23 17.51 -18.34
C ILE B 141 -1.18 18.59 -17.25
N ASP B 142 -2.32 19.22 -17.02
CA ASP B 142 -2.41 20.27 -16.00
C ASP B 142 -2.32 19.61 -14.63
N LYS B 143 -1.66 20.28 -13.69
CA LYS B 143 -1.47 19.76 -12.34
C LYS B 143 -2.78 19.55 -11.58
N LYS B 144 -3.84 20.19 -12.03
CA LYS B 144 -5.12 20.02 -11.37
C LYS B 144 -5.82 18.80 -11.93
N ASN B 145 -5.24 18.22 -12.98
CA ASN B 145 -5.81 17.05 -13.61
C ASN B 145 -5.06 15.81 -13.12
N VAL B 146 -4.56 15.89 -11.89
CA VAL B 146 -3.80 14.80 -11.28
C VAL B 146 -4.44 14.43 -9.94
N VAL B 147 -4.65 13.15 -9.71
CA VAL B 147 -5.26 12.71 -8.48
C VAL B 147 -4.24 12.03 -7.58
N ASN B 148 -4.37 12.29 -6.29
CA ASN B 148 -3.48 11.72 -5.28
C ASN B 148 -4.23 10.54 -4.68
N PHE B 149 -3.89 9.33 -5.11
CA PHE B 149 -4.55 8.13 -4.61
C PHE B 149 -4.10 7.74 -3.22
N LEU B 150 -2.86 8.07 -2.91
CA LEU B 150 -2.27 7.75 -1.62
C LEU B 150 -2.93 8.47 -0.48
N GLU B 151 -3.33 9.72 -0.69
CA GLU B 151 -3.99 10.45 0.38
C GLU B 151 -5.45 10.04 0.53
N ASN B 152 -6.03 9.47 -0.53
CA ASN B 152 -7.42 8.99 -0.48
C ASN B 152 -7.45 7.74 0.39
N GLU B 153 -6.53 6.81 0.08
CA GLU B 153 -6.41 5.57 0.84
C GLU B 153 -6.05 5.83 2.30
N ASN B 154 -5.27 6.88 2.56
CA ASN B 154 -4.85 7.25 3.92
C ASN B 154 -5.94 7.96 4.71
N HIS B 155 -6.97 8.44 4.01
CA HIS B 155 -8.10 9.12 4.64
C HIS B 155 -9.38 8.61 3.99
N PRO B 156 -9.69 7.31 4.17
CA PRO B 156 -10.89 6.70 3.59
C PRO B 156 -12.17 7.13 4.33
N HIS B 157 -13.25 6.39 4.13
CA HIS B 157 -14.52 6.68 4.80
C HIS B 157 -15.48 5.52 4.71
N PRO B 158 -16.63 5.68 5.18
#